data_4M6G
#
_entry.id   4M6G
#
_cell.length_a   55.982
_cell.length_b   75.958
_cell.length_c   49.454
_cell.angle_alpha   90.00
_cell.angle_beta   90.00
_cell.angle_gamma   90.00
#
_symmetry.space_group_name_H-M   'P 21 21 2'
#
loop_
_entity.id
_entity.type
_entity.pdbx_description
1 polymer 'Peptidoglycan Amidase Rv3717'
2 non-polymer 'ZINC ION'
3 non-polymer ALANINE
4 non-polymer D-alpha-glutamine
5 water water
#
_entity_poly.entity_id   1
_entity_poly.type   'polypeptide(L)'
_entity_poly.pdbx_seq_one_letter_code
;GHMTPANIAGMVVFIDPGHNGANDASIGRQVPTGRGGTKNCQASGTSTNSGYPEHTFTWETGLRLRAALNALGVRTALSR
GNDNALGPCVDERANMANALRPNAIVSLHADGGPASGRGFHVNYSAPPLNAIQAGPSVQFARIMRDQLQASGIPKANYIG
QDGLYGRSDLAGLNLAQYPSILVELGNMKNPADSALMESAEGRQKYANALVRGVAGFLATQGQAR
;
_entity_poly.pdbx_strand_id   A
#
# COMPACT_ATOMS: atom_id res chain seq x y z
N ILE A 8 -17.60 12.67 1.20
CA ILE A 8 -16.99 11.35 1.02
C ILE A 8 -17.43 10.40 2.13
N ALA A 9 -18.27 10.90 3.03
CA ALA A 9 -18.79 10.07 4.12
C ALA A 9 -19.62 8.92 3.57
N GLY A 10 -19.40 7.73 4.12
CA GLY A 10 -20.15 6.56 3.70
C GLY A 10 -19.45 5.76 2.61
N MET A 11 -18.41 6.34 2.02
CA MET A 11 -17.63 5.63 1.00
C MET A 11 -16.83 4.49 1.61
N VAL A 12 -16.44 3.53 0.78
CA VAL A 12 -15.76 2.33 1.24
C VAL A 12 -14.28 2.30 0.84
N VAL A 13 -13.40 2.21 1.84
CA VAL A 13 -11.97 2.10 1.59
C VAL A 13 -11.42 0.82 2.19
N PHE A 14 -10.72 0.04 1.36
CA PHE A 14 -10.05 -1.16 1.84
C PHE A 14 -8.58 -0.84 2.11
N ILE A 15 -8.13 -1.13 3.32
CA ILE A 15 -6.76 -0.82 3.73
C ILE A 15 -5.96 -2.10 3.94
N ASP A 16 -4.82 -2.19 3.27
CA ASP A 16 -3.99 -3.38 3.32
C ASP A 16 -2.59 -3.09 3.85
N PRO A 17 -2.36 -3.34 5.15
CA PRO A 17 -1.00 -3.28 5.68
C PRO A 17 -0.23 -4.48 5.15
N GLY A 18 0.69 -4.24 4.23
CA GLY A 18 1.45 -5.31 3.60
C GLY A 18 2.09 -6.29 4.55
N HIS A 19 2.15 -7.55 4.12
CA HIS A 19 2.78 -8.65 4.85
C HIS A 19 2.05 -9.12 6.12
N ASN A 20 2.61 -10.13 6.79
CA ASN A 20 2.01 -10.71 7.99
C ASN A 20 2.83 -10.39 9.23
N GLY A 21 2.22 -10.50 10.40
CA GLY A 21 2.94 -10.31 11.65
C GLY A 21 3.81 -11.51 11.95
N ALA A 22 3.49 -12.64 11.35
CA ALA A 22 4.26 -13.86 11.52
C ALA A 22 4.14 -14.76 10.29
N ASN A 23 5.16 -15.58 10.04
CA ASN A 23 5.15 -16.46 8.88
C ASN A 23 5.57 -17.89 9.20
N ASP A 24 5.21 -18.80 8.31
CA ASP A 24 5.75 -20.16 8.31
C ASP A 24 5.99 -20.61 6.88
N ALA A 25 6.18 -21.91 6.67
CA ALA A 25 6.48 -22.45 5.35
C ALA A 25 5.32 -22.27 4.36
N SER A 26 4.13 -22.04 4.89
CA SER A 26 2.93 -21.94 4.06
C SER A 26 2.90 -20.72 3.14
N ILE A 27 3.80 -19.76 3.38
CA ILE A 27 3.82 -18.56 2.55
C ILE A 27 4.46 -18.82 1.19
N GLY A 28 5.06 -19.99 1.04
CA GLY A 28 5.63 -20.41 -0.23
C GLY A 28 4.60 -21.11 -1.10
N ARG A 29 3.39 -21.24 -0.56
CA ARG A 29 2.27 -21.79 -1.30
C ARG A 29 1.97 -20.94 -2.52
N GLN A 30 1.74 -21.57 -3.65
CA GLN A 30 1.52 -20.84 -4.89
C GLN A 30 0.09 -20.34 -5.06
N VAL A 31 -0.02 -19.04 -5.35
CA VAL A 31 -1.33 -18.40 -5.55
C VAL A 31 -1.29 -17.66 -6.89
N PRO A 32 -2.48 -17.40 -7.48
CA PRO A 32 -2.50 -16.76 -8.80
C PRO A 32 -1.92 -15.35 -8.80
N THR A 33 -1.31 -14.93 -9.90
CA THR A 33 -0.77 -13.58 -10.03
C THR A 33 -1.84 -12.64 -10.57
N GLY A 34 -2.87 -13.22 -11.20
CA GLY A 34 -3.87 -12.44 -11.87
C GLY A 34 -3.52 -12.19 -13.32
N ARG A 35 -2.35 -12.70 -13.72
CA ARG A 35 -1.92 -12.61 -15.11
C ARG A 35 -1.44 -13.94 -15.68
N GLY A 36 -1.97 -15.03 -15.14
CA GLY A 36 -1.76 -16.35 -15.72
C GLY A 36 -0.70 -17.22 -15.07
N GLY A 37 0.12 -16.62 -14.21
CA GLY A 37 1.15 -17.38 -13.52
C GLY A 37 0.82 -17.54 -12.05
N THR A 38 1.80 -18.01 -11.28
CA THR A 38 1.67 -18.05 -9.83
C THR A 38 2.85 -17.37 -9.16
N LYS A 39 2.66 -16.97 -7.91
CA LYS A 39 3.76 -16.45 -7.10
C LYS A 39 3.51 -16.90 -5.66
N ASN A 40 4.48 -16.63 -4.79
CA ASN A 40 4.36 -17.03 -3.40
C ASN A 40 3.20 -16.35 -2.70
N CYS A 41 2.51 -17.10 -1.84
CA CYS A 41 1.36 -16.62 -1.08
C CYS A 41 1.68 -15.31 -0.35
N GLN A 42 2.84 -15.29 0.30
CA GLN A 42 3.31 -14.08 0.96
C GLN A 42 4.82 -13.95 0.92
N ALA A 43 5.31 -12.83 1.47
CA ALA A 43 6.72 -12.59 1.65
C ALA A 43 6.90 -11.93 3.00
N SER A 44 8.03 -12.19 3.66
CA SER A 44 8.24 -11.70 5.02
C SER A 44 8.43 -10.19 5.08
N GLY A 45 8.88 -9.59 3.98
CA GLY A 45 9.12 -8.17 3.92
C GLY A 45 10.48 -7.78 4.47
N THR A 46 10.83 -6.51 4.32
CA THR A 46 12.14 -6.03 4.73
C THR A 46 12.10 -5.38 6.11
N SER A 47 13.18 -4.68 6.47
CA SER A 47 13.27 -4.00 7.76
C SER A 47 14.39 -2.97 7.76
N THR A 48 14.37 -2.06 8.73
CA THR A 48 15.43 -1.08 8.89
C THR A 48 16.69 -1.76 9.38
N ASN A 49 17.81 -1.02 9.37
CA ASN A 49 19.08 -1.56 9.84
C ASN A 49 19.06 -1.94 11.32
N SER A 50 18.15 -1.33 12.08
CA SER A 50 18.05 -1.58 13.52
C SER A 50 17.03 -2.67 13.85
N GLY A 51 16.40 -3.23 12.82
CA GLY A 51 15.51 -4.37 13.02
C GLY A 51 14.03 -4.04 13.10
N TYR A 52 13.67 -2.80 12.76
CA TYR A 52 12.27 -2.42 12.71
C TYR A 52 11.65 -2.94 11.41
N PRO A 53 10.72 -3.90 11.52
CA PRO A 53 10.19 -4.66 10.38
C PRO A 53 9.18 -3.89 9.52
N GLU A 54 9.15 -4.17 8.21
CA GLU A 54 8.16 -3.59 7.27
C GLU A 54 6.75 -3.89 7.75
N HIS A 55 6.52 -5.12 8.20
CA HIS A 55 5.18 -5.57 8.57
C HIS A 55 4.60 -4.83 9.77
N THR A 56 5.47 -4.40 10.70
CA THR A 56 5.03 -3.58 11.82
C THR A 56 4.80 -2.14 11.37
N PHE A 57 5.67 -1.65 10.48
CA PHE A 57 5.53 -0.29 9.96
C PHE A 57 4.20 -0.10 9.23
N THR A 58 3.87 -1.04 8.36
CA THR A 58 2.64 -0.96 7.59
C THR A 58 1.41 -1.16 8.48
N TRP A 59 1.53 -2.04 9.47
CA TRP A 59 0.45 -2.26 10.42
C TRP A 59 0.17 -1.00 11.23
N GLU A 60 1.22 -0.43 11.82
CA GLU A 60 1.09 0.77 12.65
C GLU A 60 0.63 1.98 11.86
N THR A 61 1.11 2.12 10.63
CA THR A 61 0.72 3.25 9.79
C THR A 61 -0.71 3.08 9.29
N GLY A 62 -1.07 1.83 8.96
CA GLY A 62 -2.42 1.53 8.52
C GLY A 62 -3.46 1.81 9.58
N LEU A 63 -3.11 1.55 10.84
CA LEU A 63 -4.02 1.83 11.94
C LEU A 63 -4.33 3.33 12.04
N ARG A 64 -3.31 4.15 11.85
CA ARG A 64 -3.48 5.60 11.88
C ARG A 64 -4.30 6.07 10.69
N LEU A 65 -4.04 5.48 9.52
CA LEU A 65 -4.81 5.80 8.33
C LEU A 65 -6.27 5.44 8.53
N ARG A 66 -6.50 4.25 9.08
CA ARG A 66 -7.84 3.74 9.36
C ARG A 66 -8.61 4.67 10.30
N ALA A 67 -7.93 5.12 11.36
CA ALA A 67 -8.55 5.97 12.36
C ALA A 67 -9.00 7.32 11.78
N ALA A 68 -8.15 7.91 10.96
CA ALA A 68 -8.43 9.22 10.37
C ALA A 68 -9.59 9.14 9.37
N LEU A 69 -9.58 8.11 8.54
CA LEU A 69 -10.66 7.89 7.59
C LEU A 69 -11.98 7.64 8.31
N ASN A 70 -11.91 6.86 9.38
CA ASN A 70 -13.08 6.59 10.22
C ASN A 70 -13.69 7.88 10.78
N ALA A 71 -12.81 8.80 11.18
CA ALA A 71 -13.24 10.09 11.72
C ALA A 71 -13.94 10.93 10.66
N LEU A 72 -13.62 10.67 9.40
CA LEU A 72 -14.24 11.40 8.29
C LEU A 72 -15.57 10.77 7.88
N GLY A 73 -15.94 9.68 8.55
CA GLY A 73 -17.19 9.00 8.26
C GLY A 73 -17.02 7.95 7.18
N VAL A 74 -15.79 7.76 6.73
CA VAL A 74 -15.48 6.78 5.69
C VAL A 74 -15.50 5.37 6.27
N ARG A 75 -16.18 4.46 5.57
CA ARG A 75 -16.20 3.05 5.95
C ARG A 75 -14.85 2.42 5.60
N THR A 76 -14.32 1.60 6.51
CA THR A 76 -13.02 0.99 6.29
C THR A 76 -12.98 -0.49 6.70
N ALA A 77 -12.09 -1.23 6.06
CA ALA A 77 -11.79 -2.61 6.45
C ALA A 77 -10.31 -2.87 6.25
N LEU A 78 -9.75 -3.73 7.08
CA LEU A 78 -8.34 -4.07 7.00
C LEU A 78 -8.15 -5.46 6.37
N SER A 79 -7.04 -5.64 5.67
CA SER A 79 -6.73 -6.93 5.07
C SER A 79 -6.36 -7.95 6.15
N ARG A 80 -5.90 -7.43 7.30
CA ARG A 80 -5.57 -8.26 8.45
C ARG A 80 -5.83 -7.51 9.74
N GLY A 81 -5.97 -8.25 10.84
CA GLY A 81 -6.36 -7.67 12.11
C GLY A 81 -5.33 -7.78 13.23
N ASN A 82 -4.10 -8.12 12.88
CA ASN A 82 -3.02 -8.21 13.88
C ASN A 82 -1.63 -8.16 13.27
N ASP A 83 -0.63 -8.05 14.14
CA ASP A 83 0.77 -8.04 13.72
C ASP A 83 1.55 -9.12 14.46
N ASN A 84 0.91 -10.25 14.72
CA ASN A 84 1.54 -11.33 15.48
C ASN A 84 1.20 -12.73 15.00
N ALA A 85 0.44 -12.83 13.91
CA ALA A 85 0.05 -14.12 13.37
C ALA A 85 0.07 -14.10 11.86
N LEU A 86 -0.22 -15.24 11.24
CA LEU A 86 -0.28 -15.32 9.80
C LEU A 86 -1.45 -14.53 9.25
N GLY A 87 -1.23 -13.93 8.09
CA GLY A 87 -2.27 -13.17 7.43
C GLY A 87 -2.59 -13.81 6.09
N PRO A 88 -3.57 -13.25 5.38
CA PRO A 88 -4.03 -13.77 4.09
C PRO A 88 -3.00 -13.62 2.98
N CYS A 89 -3.02 -14.55 2.03
CA CYS A 89 -2.15 -14.51 0.86
C CYS A 89 -2.46 -13.28 0.02
N VAL A 90 -1.60 -12.97 -0.94
CA VAL A 90 -1.73 -11.74 -1.70
C VAL A 90 -2.92 -11.71 -2.65
N ASP A 91 -3.35 -12.89 -3.11
CA ASP A 91 -4.54 -12.94 -3.95
C ASP A 91 -5.80 -12.75 -3.10
N GLU A 92 -5.81 -13.33 -1.90
CA GLU A 92 -6.95 -13.23 -1.00
C GLU A 92 -7.22 -11.79 -0.57
N ARG A 93 -6.14 -11.02 -0.39
CA ARG A 93 -6.26 -9.63 0.00
C ARG A 93 -6.96 -8.81 -1.09
N ALA A 94 -6.75 -9.21 -2.34
CA ALA A 94 -7.42 -8.59 -3.47
C ALA A 94 -8.88 -9.03 -3.53
N ASN A 95 -9.12 -10.30 -3.23
CA ASN A 95 -10.47 -10.85 -3.25
C ASN A 95 -11.35 -10.28 -2.14
N MET A 96 -10.76 -10.14 -0.96
CA MET A 96 -11.43 -9.48 0.16
C MET A 96 -11.90 -8.10 -0.24
N ALA A 97 -11.00 -7.35 -0.88
CA ALA A 97 -11.29 -6.01 -1.34
C ALA A 97 -12.42 -6.00 -2.36
N ASN A 98 -12.30 -6.83 -3.39
CA ASN A 98 -13.30 -6.92 -4.44
C ASN A 98 -14.71 -7.19 -3.91
N ALA A 99 -14.81 -8.05 -2.91
CA ALA A 99 -16.10 -8.39 -2.30
C ALA A 99 -16.76 -7.18 -1.65
N LEU A 100 -15.96 -6.18 -1.32
CA LEU A 100 -16.47 -4.97 -0.69
C LEU A 100 -16.79 -3.89 -1.70
N ARG A 101 -16.50 -4.15 -2.98
CA ARG A 101 -16.70 -3.20 -4.07
C ARG A 101 -16.33 -1.76 -3.69
N PRO A 102 -15.10 -1.56 -3.21
CA PRO A 102 -14.72 -0.31 -2.55
C PRO A 102 -14.58 0.85 -3.52
N ASN A 103 -14.71 2.06 -3.00
CA ASN A 103 -14.49 3.25 -3.80
C ASN A 103 -12.99 3.50 -3.98
N ALA A 104 -12.20 2.93 -3.08
CA ALA A 104 -10.75 3.03 -3.16
C ALA A 104 -10.06 1.92 -2.36
N ILE A 105 -8.97 1.38 -2.91
CA ILE A 105 -8.17 0.38 -2.23
C ILE A 105 -6.73 0.87 -2.16
N VAL A 106 -6.15 0.83 -0.96
CA VAL A 106 -4.77 1.26 -0.78
C VAL A 106 -3.95 0.22 -0.01
N SER A 107 -2.83 -0.17 -0.59
CA SER A 107 -1.92 -1.12 0.04
C SER A 107 -0.63 -0.40 0.47
N LEU A 108 -0.17 -0.71 1.67
CA LEU A 108 1.01 -0.03 2.23
C LEU A 108 2.22 -0.95 2.30
N HIS A 109 3.35 -0.46 1.82
CA HIS A 109 4.61 -1.18 1.87
C HIS A 109 5.77 -0.22 2.12
N ALA A 110 6.92 -0.78 2.47
CA ALA A 110 8.16 -0.01 2.54
C ALA A 110 9.29 -0.80 1.89
N ASP A 111 10.16 -0.11 1.16
CA ASP A 111 11.13 -0.76 0.29
C ASP A 111 12.40 -1.16 1.04
N GLY A 112 13.18 -2.04 0.41
CA GLY A 112 14.49 -2.38 0.92
C GLY A 112 15.50 -2.21 -0.21
N GLY A 113 15.75 -0.96 -0.58
CA GLY A 113 16.63 -0.65 -1.69
C GLY A 113 17.99 -0.15 -1.25
N PRO A 114 18.76 0.40 -2.20
CA PRO A 114 20.10 0.94 -1.90
C PRO A 114 19.98 2.07 -0.88
N ALA A 115 20.86 2.05 0.12
CA ALA A 115 20.82 3.03 1.21
C ALA A 115 20.80 4.47 0.71
N SER A 116 21.38 4.70 -0.47
CA SER A 116 21.43 6.02 -1.07
C SER A 116 20.06 6.52 -1.51
N GLY A 117 19.17 5.60 -1.83
CA GLY A 117 17.84 5.98 -2.29
C GLY A 117 16.85 6.17 -1.15
N ARG A 118 15.95 7.14 -1.32
CA ARG A 118 14.88 7.37 -0.35
C ARG A 118 13.65 7.93 -1.06
N GLY A 119 12.53 7.99 -0.35
CA GLY A 119 11.31 8.55 -0.89
C GLY A 119 10.30 7.52 -1.36
N PHE A 120 9.12 7.99 -1.74
CA PHE A 120 8.02 7.10 -2.09
C PHE A 120 7.89 6.84 -3.59
N HIS A 121 7.19 5.77 -3.93
CA HIS A 121 6.64 5.59 -5.27
C HIS A 121 5.30 4.87 -5.20
N VAL A 122 4.37 5.28 -6.06
CA VAL A 122 3.03 4.70 -6.08
C VAL A 122 2.86 3.73 -7.23
N ASN A 123 2.62 2.47 -6.90
CA ASN A 123 2.43 1.43 -7.91
C ASN A 123 0.98 1.30 -8.34
N TYR A 124 0.78 1.06 -9.62
CA TYR A 124 -0.55 0.83 -10.17
C TYR A 124 -0.44 -0.22 -11.29
N SER A 125 -1.54 -0.95 -11.52
CA SER A 125 -1.51 -2.04 -12.49
C SER A 125 -1.33 -1.56 -13.92
N ALA A 126 -0.34 -2.14 -14.61
CA ALA A 126 -0.08 -1.81 -16.01
C ALA A 126 0.66 -2.95 -16.70
N PRO A 127 0.21 -3.33 -17.91
CA PRO A 127 -0.94 -2.79 -18.64
C PRO A 127 -2.26 -3.21 -17.98
N PRO A 128 -3.30 -2.37 -18.09
CA PRO A 128 -4.57 -2.58 -17.38
C PRO A 128 -5.33 -3.81 -17.86
N LEU A 129 -5.92 -4.53 -16.91
CA LEU A 129 -6.68 -5.75 -17.22
C LEU A 129 -8.18 -5.47 -17.26
N ASN A 130 -8.57 -4.26 -16.88
CA ASN A 130 -9.96 -3.82 -17.00
C ASN A 130 -10.08 -2.30 -17.08
N ALA A 131 -11.31 -1.82 -17.26
CA ALA A 131 -11.58 -0.40 -17.40
C ALA A 131 -11.19 0.40 -16.16
N ILE A 132 -11.37 -0.20 -14.98
CA ILE A 132 -11.02 0.45 -13.73
C ILE A 132 -9.51 0.67 -13.62
N GLN A 133 -8.74 -0.38 -13.94
CA GLN A 133 -7.29 -0.29 -13.89
C GLN A 133 -6.74 0.70 -14.92
N ALA A 134 -7.47 0.86 -16.02
CA ALA A 134 -7.04 1.76 -17.10
C ALA A 134 -7.31 3.22 -16.80
N GLY A 135 -8.32 3.49 -15.99
CA GLY A 135 -8.75 4.86 -15.74
C GLY A 135 -8.62 5.33 -14.30
N PRO A 136 -9.67 5.10 -13.49
CA PRO A 136 -9.76 5.56 -12.10
C PRO A 136 -8.54 5.25 -11.25
N SER A 137 -7.95 4.07 -11.43
CA SER A 137 -6.78 3.67 -10.66
C SER A 137 -5.54 4.50 -10.99
N VAL A 138 -5.38 4.84 -12.27
CA VAL A 138 -4.28 5.70 -12.69
C VAL A 138 -4.48 7.09 -12.11
N GLN A 139 -5.72 7.58 -12.20
CA GLN A 139 -6.10 8.87 -11.64
C GLN A 139 -5.82 8.89 -10.14
N PHE A 140 -6.15 7.78 -9.48
CA PHE A 140 -5.89 7.59 -8.05
C PHE A 140 -4.40 7.71 -7.78
N ALA A 141 -3.60 6.96 -8.52
CA ALA A 141 -2.16 6.94 -8.34
C ALA A 141 -1.53 8.32 -8.50
N ARG A 142 -1.98 9.06 -9.51
CA ARG A 142 -1.49 10.42 -9.75
C ARG A 142 -1.86 11.36 -8.62
N ILE A 143 -3.11 11.30 -8.17
CA ILE A 143 -3.60 12.12 -7.06
C ILE A 143 -2.84 11.83 -5.76
N MET A 144 -2.72 10.54 -5.44
CA MET A 144 -1.95 10.13 -4.26
C MET A 144 -0.50 10.61 -4.32
N ARG A 145 0.13 10.50 -5.49
CA ARG A 145 1.51 10.96 -5.68
C ARG A 145 1.64 12.45 -5.38
N ASP A 146 0.71 13.23 -5.92
CA ASP A 146 0.73 14.68 -5.72
C ASP A 146 0.54 15.03 -4.25
N GLN A 147 -0.34 14.30 -3.58
CA GLN A 147 -0.64 14.57 -2.17
C GLN A 147 0.48 14.15 -1.24
N LEU A 148 1.12 13.03 -1.54
CA LEU A 148 2.28 12.60 -0.75
C LEU A 148 3.40 13.62 -0.90
N GLN A 149 3.56 14.15 -2.10
CA GLN A 149 4.58 15.15 -2.39
C GLN A 149 4.27 16.47 -1.69
N ALA A 150 3.02 16.91 -1.79
CA ALA A 150 2.60 18.17 -1.19
C ALA A 150 2.66 18.13 0.34
N SER A 151 2.74 16.92 0.89
CA SER A 151 2.81 16.75 2.34
C SER A 151 4.25 16.70 2.83
N GLY A 152 5.20 16.74 1.89
CA GLY A 152 6.59 16.79 2.25
C GLY A 152 7.31 15.46 2.19
N ILE A 153 6.63 14.44 1.69
CA ILE A 153 7.28 13.16 1.44
C ILE A 153 7.94 13.22 0.07
N PRO A 154 9.27 13.12 0.02
CA PRO A 154 9.98 13.21 -1.26
C PRO A 154 9.69 12.01 -2.15
N LYS A 155 9.62 12.24 -3.46
CA LYS A 155 9.43 11.16 -4.41
C LYS A 155 10.72 10.38 -4.52
N ALA A 156 10.62 9.06 -4.71
CA ALA A 156 11.79 8.24 -4.90
C ALA A 156 12.56 8.67 -6.14
N ASN A 157 13.89 8.67 -6.05
CA ASN A 157 14.76 9.08 -7.16
C ASN A 157 15.52 7.90 -7.75
N TYR A 158 15.26 6.71 -7.21
CA TYR A 158 16.08 5.53 -7.49
C TYR A 158 15.25 4.38 -8.04
N ILE A 159 13.93 4.55 -8.01
CA ILE A 159 13.01 3.51 -8.45
C ILE A 159 11.76 4.18 -9.00
N GLY A 160 11.12 3.53 -9.96
CA GLY A 160 9.99 4.14 -10.65
C GLY A 160 10.39 5.41 -11.37
N GLN A 161 9.40 6.17 -11.81
CA GLN A 161 9.65 7.46 -12.44
C GLN A 161 8.64 8.50 -11.97
N ASP A 162 9.15 9.59 -11.39
CA ASP A 162 8.33 10.71 -10.91
C ASP A 162 7.36 10.30 -9.80
N GLY A 163 7.74 9.30 -9.00
CA GLY A 163 6.92 8.85 -7.90
C GLY A 163 5.80 7.93 -8.33
N LEU A 164 5.88 7.43 -9.56
CA LEU A 164 4.89 6.50 -10.09
C LEU A 164 5.56 5.27 -10.69
N TYR A 165 4.84 4.16 -10.73
CA TYR A 165 5.39 2.92 -11.27
C TYR A 165 4.29 1.97 -11.77
N GLY A 166 4.24 1.78 -13.08
CA GLY A 166 3.35 0.81 -13.70
C GLY A 166 3.90 -0.59 -13.50
N ARG A 167 3.11 -1.43 -12.84
CA ARG A 167 3.54 -2.80 -12.52
C ARG A 167 2.61 -3.83 -13.16
N SER A 168 3.19 -4.97 -13.54
CA SER A 168 2.40 -6.09 -14.05
C SER A 168 2.54 -7.30 -13.14
N ASP A 169 3.41 -7.18 -12.13
CA ASP A 169 3.81 -8.32 -11.32
C ASP A 169 3.13 -8.41 -9.95
N LEU A 170 2.30 -7.42 -9.62
CA LEU A 170 1.67 -7.40 -8.30
C LEU A 170 0.26 -7.97 -8.32
N ALA A 171 0.09 -9.09 -7.64
CA ALA A 171 -1.19 -9.80 -7.62
C ALA A 171 -2.32 -8.95 -7.04
N GLY A 172 -2.01 -8.21 -5.97
CA GLY A 172 -2.98 -7.34 -5.35
C GLY A 172 -3.53 -6.30 -6.31
N LEU A 173 -2.67 -5.82 -7.21
CA LEU A 173 -3.07 -4.84 -8.21
C LEU A 173 -3.72 -5.49 -9.43
N ASN A 174 -3.13 -6.58 -9.90
CA ASN A 174 -3.63 -7.30 -11.07
C ASN A 174 -5.07 -7.77 -10.88
N LEU A 175 -5.35 -8.30 -9.69
CA LEU A 175 -6.63 -8.92 -9.40
C LEU A 175 -7.73 -7.94 -8.99
N ALA A 176 -7.35 -6.67 -8.79
CA ALA A 176 -8.31 -5.67 -8.35
C ALA A 176 -9.31 -5.32 -9.45
N GLN A 177 -10.56 -5.15 -9.06
CA GLN A 177 -11.62 -4.77 -9.99
C GLN A 177 -12.17 -3.41 -9.61
N TYR A 178 -11.58 -2.82 -8.59
CA TYR A 178 -11.98 -1.51 -8.08
C TYR A 178 -10.72 -0.67 -7.87
N PRO A 179 -10.87 0.67 -7.85
CA PRO A 179 -9.69 1.56 -7.78
C PRO A 179 -8.69 1.14 -6.72
N SER A 180 -7.48 0.83 -7.15
CA SER A 180 -6.49 0.23 -6.25
C SER A 180 -5.06 0.66 -6.57
N ILE A 181 -4.35 1.11 -5.55
CA ILE A 181 -2.94 1.45 -5.68
C ILE A 181 -2.11 0.84 -4.55
N LEU A 182 -0.83 0.60 -4.81
CA LEU A 182 0.08 0.12 -3.77
C LEU A 182 1.19 1.14 -3.56
N VAL A 183 1.24 1.71 -2.36
CA VAL A 183 2.21 2.74 -2.05
C VAL A 183 3.42 2.20 -1.31
N GLU A 184 4.59 2.34 -1.92
CA GLU A 184 5.85 2.14 -1.21
C GLU A 184 6.22 3.48 -0.59
N LEU A 185 6.17 3.54 0.74
CA LEU A 185 6.26 4.82 1.45
C LEU A 185 7.67 5.38 1.54
N GLY A 186 8.67 4.52 1.38
CA GLY A 186 10.06 4.94 1.44
C GLY A 186 10.99 3.75 1.52
N ASN A 187 12.27 4.04 1.73
CA ASN A 187 13.28 2.99 1.81
C ASN A 187 13.76 2.77 3.24
N MET A 188 13.39 1.61 3.80
CA MET A 188 13.75 1.27 5.17
C MET A 188 15.26 1.23 5.39
N LYS A 189 16.00 1.02 4.30
CA LYS A 189 17.45 0.94 4.36
C LYS A 189 18.09 2.33 4.30
N ASN A 190 17.27 3.35 4.06
CA ASN A 190 17.75 4.73 4.11
C ASN A 190 17.59 5.31 5.51
N PRO A 191 18.67 5.90 6.05
CA PRO A 191 18.68 6.45 7.42
C PRO A 191 17.61 7.51 7.66
N ALA A 192 17.39 8.40 6.70
CA ALA A 192 16.40 9.46 6.86
C ALA A 192 14.98 8.91 6.82
N ASP A 193 14.71 8.03 5.86
CA ASP A 193 13.41 7.40 5.73
C ASP A 193 13.07 6.53 6.94
N SER A 194 14.06 5.80 7.44
CA SER A 194 13.84 4.89 8.57
C SER A 194 13.59 5.66 9.86
N ALA A 195 14.19 6.85 9.97
CA ALA A 195 13.96 7.72 11.12
C ALA A 195 12.49 8.08 11.21
N LEU A 196 11.89 8.37 10.05
CA LEU A 196 10.46 8.62 9.97
C LEU A 196 9.67 7.38 10.36
N MET A 197 10.00 6.26 9.72
CA MET A 197 9.29 4.99 9.91
C MET A 197 9.36 4.47 11.33
N GLU A 198 10.49 4.67 12.00
CA GLU A 198 10.67 4.17 13.36
C GLU A 198 10.05 5.08 14.41
N SER A 199 9.41 6.16 13.97
CA SER A 199 8.83 7.12 14.91
C SER A 199 7.33 7.24 14.75
N ALA A 200 6.63 7.37 15.88
CA ALA A 200 5.19 7.55 15.89
C ALA A 200 4.80 8.82 15.14
N GLU A 201 5.62 9.86 15.27
CA GLU A 201 5.37 11.12 14.59
C GLU A 201 5.47 10.97 13.07
N GLY A 202 6.48 10.24 12.63
CA GLY A 202 6.69 10.03 11.20
C GLY A 202 5.58 9.19 10.58
N ARG A 203 5.14 8.18 11.31
CA ARG A 203 4.07 7.31 10.85
C ARG A 203 2.75 8.06 10.75
N GLN A 204 2.59 9.09 11.59
CA GLN A 204 1.39 9.91 11.55
C GLN A 204 1.43 10.86 10.37
N LYS A 205 2.62 11.38 10.05
CA LYS A 205 2.81 12.22 8.88
C LYS A 205 2.48 11.45 7.61
N TYR A 206 3.05 10.24 7.52
CA TYR A 206 2.74 9.31 6.43
C TYR A 206 1.23 9.12 6.31
N ALA A 207 0.59 8.87 7.45
CA ALA A 207 -0.84 8.60 7.48
C ALA A 207 -1.68 9.81 7.05
N ASN A 208 -1.30 10.99 7.53
CA ASN A 208 -2.00 12.22 7.17
C ASN A 208 -1.92 12.50 5.67
N ALA A 209 -0.74 12.23 5.11
CA ALA A 209 -0.52 12.38 3.67
C ALA A 209 -1.39 11.40 2.89
N LEU A 210 -1.45 10.16 3.38
CA LEU A 210 -2.27 9.12 2.77
C LEU A 210 -3.76 9.50 2.76
N VAL A 211 -4.23 9.99 3.90
CA VAL A 211 -5.61 10.49 4.04
C VAL A 211 -5.92 11.50 2.95
N ARG A 212 -5.01 12.47 2.75
CA ARG A 212 -5.16 13.47 1.70
C ARG A 212 -5.32 12.85 0.33
N GLY A 213 -4.45 11.90 0.00
CA GLY A 213 -4.49 11.24 -1.29
C GLY A 213 -5.77 10.45 -1.48
N VAL A 214 -6.21 9.77 -0.42
CA VAL A 214 -7.44 8.99 -0.47
C VAL A 214 -8.67 9.88 -0.55
N ALA A 215 -8.75 10.84 0.36
CA ALA A 215 -9.86 11.79 0.38
C ALA A 215 -9.91 12.57 -0.94
N GLY A 216 -8.74 12.93 -1.45
CA GLY A 216 -8.63 13.64 -2.71
C GLY A 216 -9.25 12.85 -3.85
N PHE A 217 -8.98 11.55 -3.90
CA PHE A 217 -9.51 10.70 -4.95
C PHE A 217 -10.99 10.38 -4.77
N LEU A 218 -11.39 10.09 -3.53
CA LEU A 218 -12.78 9.81 -3.21
C LEU A 218 -13.68 10.98 -3.62
N ALA A 219 -13.13 12.18 -3.53
CA ALA A 219 -13.86 13.39 -3.87
C ALA A 219 -14.14 13.50 -5.37
N THR A 220 -13.48 12.67 -6.17
CA THR A 220 -13.67 12.66 -7.62
C THR A 220 -14.71 11.62 -8.03
N GLN A 221 -15.47 11.13 -7.06
CA GLN A 221 -16.48 10.11 -7.32
C GLN A 221 -17.89 10.66 -7.15
#